data_7D3T
#
_entry.id   7D3T
#
_cell.length_a   57.414
_cell.length_b   100.824
_cell.length_c   79.351
_cell.angle_alpha   90.000
_cell.angle_beta   102.456
_cell.angle_gamma   90.000
#
_symmetry.space_group_name_H-M   'P 1 21 1'
#
loop_
_entity.id
_entity.type
_entity.pdbx_description
1 polymer 'Protein PHOSPHATE STARVATION RESPONSE 2'
2 polymer "DNA (5'-D(P*GP*CP*TP*TP*GP*AP*GP*GP*AP*TP*AP*TP*CP*CP*GP*A)-3')"
3 polymer "DNA (5'-D(P*CP*TP*CP*GP*GP*AP*TP*AP*TP*CP*CP*TP*CP*AP*AP*G)-3')"
4 water water
#
loop_
_entity_poly.entity_id
_entity_poly.type
_entity_poly.pdbx_seq_one_letter_code
_entity_poly.pdbx_strand_id
1 'polypeptide(L)'
;NDFMNYDWKDIDNTACTETQPQVGPAAQSSVAVHQSAAQQSVSSQSGEPSAVAIPSPSGASNTSNSKTRMRWTPELHERF
VDAVNLLGGSEKATPKGVLKLMKADNLTIYHVKSHLQKYRTARYRPELSEGSSELEHHHHHHHH
;
A,B,C,D
2 'polydeoxyribonucleotide' (DG)(DC)(DT)(DT)(DG)(DA)(DG)(DG)(DA)(DT)(DA)(DT)(DC)(DC)(DG)(DA) E,G
3 'polydeoxyribonucleotide' (DC)(DT)(DC)(DG)(DG)(DA)(DT)(DA)(DT)(DC)(DC)(DT)(DC)(DA)(DA)(DG) F,H
#
loop_
_chem_comp.id
_chem_comp.type
_chem_comp.name
_chem_comp.formula
DA DNA linking 2'-DEOXYADENOSINE-5'-MONOPHOSPHATE 'C10 H14 N5 O6 P'
DC DNA linking 2'-DEOXYCYTIDINE-5'-MONOPHOSPHATE 'C9 H14 N3 O7 P'
DG DNA linking 2'-DEOXYGUANOSINE-5'-MONOPHOSPHATE 'C10 H14 N5 O7 P'
DT DNA linking THYMIDINE-5'-MONOPHOSPHATE 'C10 H15 N2 O8 P'
#
# COMPACT_ATOMS: atom_id res chain seq x y z
N THR A 68 21.64 18.29 23.55
CA THR A 68 21.69 16.97 24.19
C THR A 68 20.95 15.93 23.38
N ARG A 69 21.57 14.78 23.14
CA ARG A 69 20.87 13.68 22.47
C ARG A 69 21.41 12.35 22.95
N MET A 70 20.50 11.55 23.50
CA MET A 70 20.84 10.25 24.04
C MET A 70 21.22 9.29 22.89
N ARG A 71 21.48 8.02 23.20
CA ARG A 71 21.91 7.05 22.20
C ARG A 71 21.72 5.67 22.81
N TRP A 72 20.79 4.88 22.27
CA TRP A 72 20.30 3.67 22.94
C TRP A 72 21.25 2.49 22.70
N THR A 73 22.20 2.29 23.59
CA THR A 73 23.04 1.09 23.66
C THR A 73 22.25 -0.21 23.50
N PRO A 74 22.84 -1.32 23.05
CA PRO A 74 22.07 -2.58 23.07
C PRO A 74 21.88 -3.16 24.46
N GLU A 75 22.87 -3.13 25.34
CA GLU A 75 22.61 -3.72 26.65
C GLU A 75 21.76 -2.80 27.52
N LEU A 76 21.82 -1.49 27.29
CA LEU A 76 20.84 -0.59 27.89
C LEU A 76 19.43 -0.92 27.42
N HIS A 77 19.27 -1.12 26.11
CA HIS A 77 18.02 -1.64 25.60
C HIS A 77 17.64 -2.96 26.25
N GLU A 78 18.62 -3.78 26.65
CA GLU A 78 18.26 -5.04 27.29
C GLU A 78 17.60 -4.71 28.62
N ARG A 79 18.29 -3.91 29.43
CA ARG A 79 17.76 -3.47 30.72
C ARG A 79 16.33 -2.94 30.57
N PHE A 80 16.09 -2.17 29.51
CA PHE A 80 14.75 -1.68 29.23
C PHE A 80 13.77 -2.82 28.97
N VAL A 81 14.21 -3.85 28.25
CA VAL A 81 13.28 -4.92 27.91
C VAL A 81 12.97 -5.77 29.13
N ASP A 82 14.01 -6.29 29.76
CA ASP A 82 13.95 -6.77 31.13
C ASP A 82 12.91 -6.04 32.00
N ALA A 83 13.00 -4.74 32.04
CA ALA A 83 12.08 -4.00 32.89
C ALA A 83 10.65 -4.04 32.36
N VAL A 84 10.46 -3.75 31.07
CA VAL A 84 9.12 -3.79 30.48
C VAL A 84 8.47 -5.15 30.72
N ASN A 85 9.27 -6.20 30.78
CA ASN A 85 8.71 -7.52 30.98
C ASN A 85 8.33 -7.74 32.44
N LEU A 86 9.10 -7.16 33.37
CA LEU A 86 8.66 -7.19 34.75
C LEU A 86 7.28 -6.55 34.93
N LEU A 87 6.85 -5.68 34.01
CA LEU A 87 5.60 -4.95 34.16
C LEU A 87 4.50 -5.39 33.18
N GLY A 88 4.46 -6.68 32.85
CA GLY A 88 3.41 -7.17 31.97
C GLY A 88 3.52 -6.77 30.51
N GLY A 89 4.70 -6.35 30.05
CA GLY A 89 4.88 -6.11 28.63
C GLY A 89 4.55 -4.70 28.18
N SER A 90 4.80 -4.47 26.90
CA SER A 90 4.81 -3.13 26.33
C SER A 90 3.51 -2.38 26.58
N GLU A 91 2.38 -3.08 26.63
CA GLU A 91 1.12 -2.36 26.78
C GLU A 91 0.95 -1.85 28.22
N LYS A 92 1.05 -2.75 29.22
CA LYS A 92 0.88 -2.37 30.62
C LYS A 92 2.00 -1.47 31.10
N ALA A 93 3.25 -1.74 30.72
CA ALA A 93 4.37 -0.93 31.15
C ALA A 93 4.14 0.56 30.91
N THR A 94 4.77 1.37 31.74
CA THR A 94 4.63 2.82 31.81
C THR A 94 5.99 3.46 31.80
N PRO A 95 6.14 4.68 31.27
CA PRO A 95 7.47 5.30 31.27
C PRO A 95 8.00 5.62 32.67
N LYS A 96 7.21 6.29 33.56
CA LYS A 96 7.63 6.47 34.96
C LYS A 96 8.01 5.14 35.54
N GLY A 97 7.22 4.13 35.26
CA GLY A 97 7.44 2.86 35.92
C GLY A 97 8.71 2.21 35.44
N VAL A 98 8.98 2.29 34.14
CA VAL A 98 10.08 1.48 33.66
C VAL A 98 11.39 2.23 33.82
N LEU A 99 11.39 3.55 33.60
CA LEU A 99 12.53 4.37 33.99
C LEU A 99 12.88 4.09 35.43
N LYS A 100 11.84 3.94 36.20
CA LYS A 100 11.98 3.85 37.61
C LYS A 100 12.55 2.48 37.96
N LEU A 101 12.21 1.43 37.16
CA LEU A 101 12.78 0.11 37.32
C LEU A 101 14.18 -0.03 36.72
N MET A 102 14.53 0.78 35.73
CA MET A 102 15.80 0.53 35.05
C MET A 102 16.99 0.99 35.88
N LYS A 103 16.81 2.09 36.62
CA LYS A 103 17.83 2.64 37.51
C LYS A 103 19.13 2.95 36.79
N ALA A 104 19.03 3.43 35.57
CA ALA A 104 20.20 3.90 34.86
C ALA A 104 20.40 5.38 35.13
N ASP A 105 21.65 5.79 35.27
CA ASP A 105 21.92 7.18 35.56
C ASP A 105 22.02 7.94 34.25
N ASN A 106 21.71 9.24 34.32
CA ASN A 106 21.63 10.12 33.14
C ASN A 106 20.55 9.64 32.17
N LEU A 107 19.35 9.43 32.71
CA LEU A 107 18.24 8.83 31.97
C LEU A 107 16.96 9.49 32.42
N THR A 108 16.27 10.16 31.50
CA THR A 108 15.05 10.85 31.87
C THR A 108 13.82 9.97 31.67
N ILE A 109 12.68 10.50 32.12
CA ILE A 109 11.40 9.94 31.71
C ILE A 109 11.19 10.18 30.21
N TYR A 110 11.75 11.25 29.67
CA TYR A 110 11.47 11.56 28.27
C TYR A 110 12.18 10.60 27.33
N HIS A 111 13.45 10.31 27.60
CA HIS A 111 14.14 9.27 26.85
C HIS A 111 13.28 8.02 26.84
N VAL A 112 12.81 7.64 28.01
CA VAL A 112 12.16 6.34 28.11
C VAL A 112 10.83 6.35 27.38
N LYS A 113 10.05 7.46 27.42
CA LYS A 113 8.76 7.37 26.75
C LYS A 113 8.95 7.31 25.24
N SER A 114 9.89 8.08 24.68
CA SER A 114 10.09 8.01 23.24
C SER A 114 10.50 6.60 22.81
N HIS A 115 11.44 5.99 23.53
CA HIS A 115 11.80 4.61 23.21
C HIS A 115 10.59 3.68 23.31
N LEU A 116 9.83 3.78 24.41
CA LEU A 116 8.67 2.90 24.61
C LEU A 116 7.64 3.07 23.52
N GLN A 117 7.47 4.29 23.01
CA GLN A 117 6.55 4.49 21.90
C GLN A 117 7.06 3.75 20.70
N LYS A 118 8.35 3.79 20.48
CA LYS A 118 8.87 3.01 19.34
C LYS A 118 8.65 1.51 19.54
N TYR A 119 8.73 1.02 20.78
CA TYR A 119 8.61 -0.41 21.05
C TYR A 119 7.17 -0.88 21.00
N ARG A 120 6.19 -0.02 21.30
CA ARG A 120 4.81 -0.51 21.34
C ARG A 120 4.22 -0.74 19.96
N THR A 121 4.84 -0.22 18.91
CA THR A 121 4.25 -0.28 17.59
C THR A 121 4.15 -1.72 17.10
N ALA A 122 3.21 -1.92 16.16
CA ALA A 122 3.02 -3.23 15.53
C ALA A 122 4.28 -3.75 14.86
N ARG A 123 5.20 -2.86 14.49
CA ARG A 123 6.43 -3.29 13.84
C ARG A 123 7.46 -3.82 14.84
N TYR A 124 7.60 -3.20 16.01
CA TYR A 124 8.75 -3.48 16.85
C TYR A 124 8.44 -4.33 18.08
N ARG A 125 7.16 -4.69 18.32
CA ARG A 125 6.89 -5.33 19.62
C ARG A 125 7.36 -6.79 19.67
N PRO A 126 7.47 -7.51 18.52
CA PRO A 126 8.14 -8.81 18.72
C PRO A 126 9.67 -8.66 18.89
N THR B 68 4.76 26.93 13.18
CA THR B 68 3.81 26.12 12.41
C THR B 68 4.05 24.62 12.64
N ARG B 69 2.96 23.92 12.96
CA ARG B 69 2.96 22.48 13.13
C ARG B 69 1.75 21.95 12.39
N MET B 70 1.98 21.18 11.34
CA MET B 70 0.88 20.66 10.54
C MET B 70 0.17 19.56 11.29
N ARG B 71 -1.10 19.31 10.95
CA ARG B 71 -1.70 18.03 11.32
C ARG B 71 -2.51 17.45 10.17
N TRP B 72 -2.68 16.13 10.24
CA TRP B 72 -3.12 15.27 9.14
C TRP B 72 -4.62 15.04 9.19
N THR B 73 -5.38 15.95 8.59
CA THR B 73 -6.81 15.72 8.40
C THR B 73 -7.05 14.36 7.74
N PRO B 74 -8.22 13.75 7.92
CA PRO B 74 -8.46 12.46 7.25
C PRO B 74 -8.41 12.55 5.74
N GLU B 75 -8.80 13.68 5.14
CA GLU B 75 -8.74 13.77 3.69
C GLU B 75 -7.31 13.79 3.20
N LEU B 76 -6.44 14.58 3.84
CA LEU B 76 -5.02 14.45 3.52
C LEU B 76 -4.52 13.03 3.73
N HIS B 77 -4.96 12.35 4.80
CA HIS B 77 -4.45 10.99 4.97
C HIS B 77 -4.87 10.09 3.83
N GLU B 78 -6.10 10.25 3.35
CA GLU B 78 -6.55 9.38 2.26
C GLU B 78 -5.80 9.71 0.98
N ARG B 79 -5.61 10.99 0.69
CA ARG B 79 -4.82 11.35 -0.48
C ARG B 79 -3.43 10.74 -0.37
N PHE B 80 -2.85 10.79 0.82
CA PHE B 80 -1.55 10.19 1.06
C PHE B 80 -1.58 8.69 0.80
N VAL B 81 -2.62 8.00 1.25
CA VAL B 81 -2.59 6.56 1.11
C VAL B 81 -2.87 6.16 -0.33
N ASP B 82 -3.63 6.97 -1.06
CA ASP B 82 -3.77 6.75 -2.49
C ASP B 82 -2.43 6.88 -3.21
N ALA B 83 -1.64 7.91 -2.85
CA ALA B 83 -0.32 8.04 -3.45
C ALA B 83 0.56 6.83 -3.11
N VAL B 84 0.62 6.47 -1.82
CA VAL B 84 1.40 5.31 -1.39
C VAL B 84 1.03 4.09 -2.19
N ASN B 85 -0.28 3.87 -2.38
CA ASN B 85 -0.73 2.69 -3.10
C ASN B 85 -0.30 2.76 -4.57
N LEU B 86 -0.39 3.94 -5.19
CA LEU B 86 0.06 4.02 -6.58
C LEU B 86 1.54 3.66 -6.71
N LEU B 87 2.37 3.95 -5.71
CA LEU B 87 3.78 3.62 -5.78
C LEU B 87 4.05 2.19 -5.31
N GLY B 88 3.02 1.38 -5.18
CA GLY B 88 3.21 -0.03 -4.91
C GLY B 88 3.37 -0.42 -3.46
N GLY B 89 2.82 0.34 -2.52
CA GLY B 89 2.80 -0.03 -1.12
C GLY B 89 3.70 0.85 -0.26
N SER B 90 3.48 0.74 1.06
CA SER B 90 4.26 1.54 2.00
C SER B 90 5.74 1.23 1.92
N GLU B 91 6.10 0.00 1.55
CA GLU B 91 7.52 -0.35 1.52
C GLU B 91 8.22 0.19 0.30
N LYS B 92 7.57 0.21 -0.86
CA LYS B 92 8.19 0.69 -2.08
C LYS B 92 8.11 2.21 -2.22
N ALA B 93 7.07 2.82 -1.72
CA ALA B 93 6.92 4.28 -1.79
C ALA B 93 8.07 4.97 -1.07
N THR B 94 8.36 6.19 -1.51
CA THR B 94 9.34 7.07 -0.91
C THR B 94 8.71 8.45 -0.79
N PRO B 95 9.21 9.31 0.11
CA PRO B 95 8.56 10.61 0.30
C PRO B 95 8.43 11.43 -0.98
N LYS B 96 9.52 11.61 -1.73
CA LYS B 96 9.45 12.47 -2.92
C LYS B 96 8.34 12.03 -3.86
N GLY B 97 8.23 10.73 -4.09
CA GLY B 97 7.12 10.23 -4.89
C GLY B 97 5.77 10.63 -4.32
N VAL B 98 5.55 10.24 -3.05
CA VAL B 98 4.26 10.49 -2.43
C VAL B 98 3.91 11.97 -2.52
N LEU B 99 4.88 12.84 -2.28
CA LEU B 99 4.60 14.26 -2.34
C LEU B 99 4.18 14.66 -3.74
N LYS B 100 4.96 14.26 -4.75
CA LYS B 100 4.66 14.67 -6.12
C LYS B 100 3.23 14.28 -6.48
N LEU B 101 2.81 13.06 -6.10
CA LEU B 101 1.46 12.62 -6.43
C LEU B 101 0.41 13.43 -5.68
N MET B 102 0.67 13.77 -4.42
CA MET B 102 -0.38 14.36 -3.61
C MET B 102 -0.76 15.76 -4.07
N LYS B 103 0.20 16.54 -4.54
CA LYS B 103 -0.06 17.87 -5.08
C LYS B 103 -0.85 18.72 -4.08
N ALA B 104 -0.29 18.86 -2.90
CA ALA B 104 -0.95 19.58 -1.81
C ALA B 104 -0.14 20.83 -1.48
N ASP B 105 -0.81 21.98 -1.47
CA ASP B 105 -0.16 23.24 -1.14
C ASP B 105 0.42 23.17 0.27
N ASN B 106 1.39 24.03 0.57
CA ASN B 106 1.83 24.20 1.96
C ASN B 106 2.24 22.88 2.60
N LEU B 107 2.86 22.00 1.81
CA LEU B 107 3.22 20.67 2.25
C LEU B 107 4.64 20.37 1.78
N THR B 108 5.51 19.95 2.70
CA THR B 108 6.92 19.73 2.39
C THR B 108 7.21 18.25 2.36
N ILE B 109 8.39 17.93 1.83
CA ILE B 109 8.86 16.55 1.87
C ILE B 109 9.00 16.05 3.30
N TYR B 110 9.14 16.95 4.27
CA TYR B 110 9.34 16.50 5.66
C TYR B 110 8.01 16.04 6.29
N HIS B 111 6.94 16.78 6.03
CA HIS B 111 5.62 16.30 6.40
C HIS B 111 5.44 14.85 5.96
N VAL B 112 5.65 14.59 4.66
CA VAL B 112 5.45 13.26 4.14
C VAL B 112 6.44 12.27 4.75
N LYS B 113 7.70 12.69 4.92
CA LYS B 113 8.70 11.76 5.45
C LYS B 113 8.26 11.21 6.79
N SER B 114 7.91 12.11 7.71
CA SER B 114 7.51 11.68 9.05
C SER B 114 6.25 10.84 8.98
N HIS B 115 5.23 11.33 8.26
CA HIS B 115 3.97 10.60 8.23
C HIS B 115 4.18 9.20 7.69
N LEU B 116 5.05 9.05 6.68
CA LEU B 116 5.26 7.74 6.07
C LEU B 116 6.02 6.82 7.00
N GLN B 117 6.98 7.37 7.75
CA GLN B 117 7.62 6.54 8.77
C GLN B 117 6.60 6.00 9.76
N LYS B 118 5.64 6.82 10.16
CA LYS B 118 4.60 6.28 11.02
C LYS B 118 3.83 5.19 10.29
N TYR B 119 3.45 5.46 9.05
CA TYR B 119 2.64 4.50 8.29
C TYR B 119 3.35 3.14 8.17
N ARG B 120 4.68 3.16 7.97
CA ARG B 120 5.38 1.90 7.78
C ARG B 120 5.47 1.08 9.05
N THR B 121 5.25 1.69 10.21
CA THR B 121 5.35 0.95 11.46
C THR B 121 3.99 0.45 11.95
N ALA B 122 2.98 0.47 11.11
CA ALA B 122 1.71 -0.19 11.43
C ALA B 122 1.66 -1.65 11.00
N ARG B 123 2.60 -2.10 10.17
CA ARG B 123 2.63 -3.49 9.70
C ARG B 123 4.05 -4.03 9.81
N TYR B 124 4.19 -5.18 10.46
CA TYR B 124 5.46 -5.88 10.58
C TYR B 124 5.45 -7.10 9.65
N ARG B 125 6.40 -7.12 8.71
CA ARG B 125 6.50 -8.20 7.73
C ARG B 125 7.77 -9.00 7.93
N PRO B 126 7.68 -10.35 7.97
CA PRO B 126 8.81 -11.26 8.23
C PRO B 126 9.95 -11.11 7.23
N THR C 68 -21.24 0.74 -30.53
CA THR C 68 -20.77 1.99 -29.94
C THR C 68 -19.97 1.77 -28.64
N ARG C 69 -18.66 1.67 -28.81
CA ARG C 69 -17.71 1.49 -27.71
C ARG C 69 -17.24 2.87 -27.24
N MET C 70 -17.63 3.25 -26.04
CA MET C 70 -17.09 4.46 -25.45
C MET C 70 -15.58 4.39 -25.26
N ARG C 71 -14.90 5.51 -25.50
CA ARG C 71 -13.54 5.72 -25.01
C ARG C 71 -13.49 6.94 -24.08
N TRP C 72 -12.58 6.87 -23.13
CA TRP C 72 -12.47 7.83 -22.02
C TRP C 72 -11.57 9.01 -22.39
N THR C 73 -12.17 10.08 -22.92
CA THR C 73 -11.41 11.33 -23.08
C THR C 73 -11.00 11.83 -21.68
N PRO C 74 -9.82 12.45 -21.55
CA PRO C 74 -9.25 12.60 -20.20
C PRO C 74 -10.03 13.57 -19.33
N GLU C 75 -10.97 14.31 -19.90
CA GLU C 75 -11.70 15.29 -19.11
C GLU C 75 -12.87 14.61 -18.40
N LEU C 76 -13.53 13.68 -19.09
CA LEU C 76 -14.43 12.76 -18.40
C LEU C 76 -13.68 11.92 -17.37
N HIS C 77 -12.39 11.67 -17.59
CA HIS C 77 -11.63 10.93 -16.57
C HIS C 77 -11.33 11.79 -15.35
N GLU C 78 -11.04 13.09 -15.53
CA GLU C 78 -10.83 13.87 -14.31
C GLU C 78 -12.13 14.02 -13.55
N ARG C 79 -13.27 14.13 -14.25
CA ARG C 79 -14.54 14.17 -13.53
C ARG C 79 -14.75 12.86 -12.78
N PHE C 80 -14.45 11.74 -13.43
CA PHE C 80 -14.50 10.44 -12.77
C PHE C 80 -13.66 10.46 -11.48
N VAL C 81 -12.41 10.94 -11.57
CA VAL C 81 -11.53 10.86 -10.40
C VAL C 81 -11.99 11.84 -9.32
N ASP C 82 -12.48 13.01 -9.71
CA ASP C 82 -13.01 13.97 -8.74
C ASP C 82 -14.14 13.32 -7.95
N ALA C 83 -15.05 12.64 -8.64
CA ALA C 83 -16.15 11.96 -7.94
C ALA C 83 -15.64 10.83 -7.05
N VAL C 84 -14.73 10.00 -7.57
CA VAL C 84 -14.20 8.91 -6.76
C VAL C 84 -13.57 9.45 -5.49
N ASN C 85 -12.89 10.58 -5.58
CA ASN C 85 -12.32 11.19 -4.40
C ASN C 85 -13.43 11.71 -3.48
N LEU C 86 -14.45 12.35 -4.07
CA LEU C 86 -15.60 12.80 -3.29
C LEU C 86 -16.23 11.67 -2.49
N LEU C 87 -16.22 10.46 -3.00
CA LEU C 87 -16.75 9.30 -2.30
C LEU C 87 -15.72 8.63 -1.40
N GLY C 88 -14.54 9.21 -1.26
CA GLY C 88 -13.58 8.73 -0.29
C GLY C 88 -12.57 7.71 -0.76
N GLY C 89 -12.24 7.67 -2.04
CA GLY C 89 -11.19 6.81 -2.47
C GLY C 89 -11.67 5.66 -3.36
N SER C 90 -10.75 5.14 -4.16
CA SER C 90 -11.07 4.09 -5.12
C SER C 90 -11.65 2.87 -4.42
N GLU C 91 -11.17 2.56 -3.22
CA GLU C 91 -11.64 1.37 -2.54
C GLU C 91 -13.09 1.54 -2.05
N LYS C 92 -13.44 2.73 -1.53
CA LYS C 92 -14.82 2.82 -1.06
C LYS C 92 -15.81 3.22 -2.14
N ALA C 93 -15.36 3.95 -3.18
CA ALA C 93 -16.30 4.40 -4.20
C ALA C 93 -16.94 3.19 -4.90
N THR C 94 -18.10 3.42 -5.51
CA THR C 94 -18.78 2.37 -6.24
C THR C 94 -19.35 2.90 -7.53
N PRO C 95 -19.65 2.05 -8.50
CA PRO C 95 -20.22 2.53 -9.77
C PRO C 95 -21.40 3.47 -9.61
N LYS C 96 -22.39 3.07 -8.80
CA LYS C 96 -23.64 3.82 -8.70
C LYS C 96 -23.38 5.25 -8.23
N GLY C 97 -22.64 5.41 -7.13
CA GLY C 97 -22.35 6.74 -6.64
C GLY C 97 -21.58 7.56 -7.66
N VAL C 98 -20.64 6.92 -8.33
CA VAL C 98 -19.73 7.61 -9.23
C VAL C 98 -20.49 8.17 -10.44
N LEU C 99 -21.36 7.36 -11.04
CA LEU C 99 -22.14 7.85 -12.16
C LEU C 99 -23.15 8.90 -11.72
N LYS C 100 -23.87 8.64 -10.62
CA LYS C 100 -24.87 9.61 -10.18
C LYS C 100 -24.22 10.97 -9.97
N LEU C 101 -23.05 10.98 -9.32
CA LEU C 101 -22.38 12.23 -9.02
C LEU C 101 -21.47 12.71 -10.15
N MET C 102 -21.44 12.02 -11.29
CA MET C 102 -20.58 12.50 -12.35
C MET C 102 -21.29 13.42 -13.32
N LYS C 103 -22.62 13.42 -13.33
CA LYS C 103 -23.42 14.30 -14.17
C LYS C 103 -23.22 13.99 -15.65
N ALA C 104 -22.92 12.73 -15.98
CA ALA C 104 -22.39 12.43 -17.28
C ALA C 104 -23.46 12.06 -18.29
N ASP C 105 -23.26 12.56 -19.46
CA ASP C 105 -24.03 12.41 -20.67
C ASP C 105 -23.79 11.06 -21.31
N ASN C 106 -24.86 10.29 -21.54
CA ASN C 106 -24.73 9.05 -22.31
C ASN C 106 -23.77 8.05 -21.65
N LEU C 107 -23.90 7.85 -20.35
CA LEU C 107 -23.00 6.94 -19.63
C LEU C 107 -23.82 5.83 -19.00
N THR C 108 -23.37 4.59 -19.15
CA THR C 108 -24.04 3.46 -18.50
C THR C 108 -23.19 2.97 -17.33
N ILE C 109 -23.86 2.64 -16.23
CA ILE C 109 -23.19 2.17 -15.02
C ILE C 109 -22.10 1.16 -15.33
N TYR C 110 -22.29 0.34 -16.37
CA TYR C 110 -21.28 -0.66 -16.71
C TYR C 110 -20.01 -0.02 -17.24
N HIS C 111 -20.15 1.08 -17.99
CA HIS C 111 -18.99 1.88 -18.39
C HIS C 111 -18.14 2.21 -17.17
N VAL C 112 -18.76 2.88 -16.20
CA VAL C 112 -18.09 3.19 -14.94
C VAL C 112 -17.53 1.92 -14.31
N LYS C 113 -18.28 0.82 -14.33
CA LYS C 113 -17.79 -0.39 -13.66
C LYS C 113 -16.44 -0.81 -14.20
N SER C 114 -16.33 -0.94 -15.52
CA SER C 114 -15.05 -1.37 -16.08
C SER C 114 -13.97 -0.36 -15.78
N HIS C 115 -14.28 0.94 -15.97
CA HIS C 115 -13.25 1.94 -15.79
C HIS C 115 -12.76 1.95 -14.36
N LEU C 116 -13.66 1.70 -13.42
CA LEU C 116 -13.27 1.69 -12.03
C LEU C 116 -12.43 0.49 -11.68
N GLN C 117 -12.76 -0.68 -12.24
CA GLN C 117 -11.88 -1.82 -11.97
C GLN C 117 -10.47 -1.55 -12.49
N LYS C 118 -10.38 -0.94 -13.68
CA LYS C 118 -9.07 -0.54 -14.18
C LYS C 118 -8.37 0.41 -13.22
N TYR C 119 -9.12 1.39 -12.70
CA TYR C 119 -8.55 2.35 -11.75
C TYR C 119 -8.08 1.66 -10.47
N ARG C 120 -8.77 0.60 -10.07
CA ARG C 120 -8.33 -0.14 -8.88
C ARG C 120 -7.06 -0.93 -9.14
N THR C 121 -6.95 -1.59 -10.29
CA THR C 121 -5.75 -2.38 -10.57
C THR C 121 -4.49 -1.53 -10.56
N ALA C 122 -4.60 -0.25 -10.91
CA ALA C 122 -3.45 0.64 -10.88
C ALA C 122 -2.87 0.85 -9.49
N ARG C 123 -3.54 0.37 -8.44
CA ARG C 123 -3.20 0.67 -7.05
C ARG C 123 -2.82 -0.60 -6.30
N TYR C 124 -1.77 -0.51 -5.48
CA TYR C 124 -1.46 -1.58 -4.53
C TYR C 124 -2.64 -1.75 -3.60
N ARG C 125 -2.82 -2.96 -3.06
CA ARG C 125 -3.93 -3.18 -2.12
C ARG C 125 -3.43 -3.96 -0.90
N PRO C 126 -3.47 -3.38 0.30
CA PRO C 126 -3.11 -4.11 1.53
C PRO C 126 -4.35 -4.73 2.21
N THR D 68 -17.90 -20.30 -24.95
CA THR D 68 -17.23 -20.91 -23.79
C THR D 68 -16.19 -19.97 -23.13
N ARG D 69 -15.94 -20.22 -21.84
CA ARG D 69 -15.12 -19.38 -20.98
C ARG D 69 -14.41 -20.30 -19.99
N MET D 70 -13.12 -20.08 -19.76
CA MET D 70 -12.28 -20.98 -18.99
C MET D 70 -12.05 -20.45 -17.57
N ARG D 71 -11.39 -21.24 -16.72
CA ARG D 71 -11.07 -20.80 -15.37
C ARG D 71 -9.62 -21.11 -15.04
N TRP D 72 -8.97 -20.20 -14.33
CA TRP D 72 -7.54 -20.28 -14.03
C TRP D 72 -7.30 -21.02 -12.71
N THR D 73 -7.58 -22.33 -12.77
CA THR D 73 -7.14 -23.40 -11.88
C THR D 73 -5.85 -23.00 -11.22
N PRO D 74 -5.74 -22.95 -9.89
CA PRO D 74 -4.47 -22.53 -9.26
C PRO D 74 -3.23 -23.26 -9.77
N GLU D 75 -3.40 -24.50 -10.24
CA GLU D 75 -2.34 -25.30 -10.82
C GLU D 75 -1.86 -24.73 -12.16
N LEU D 76 -2.81 -24.52 -13.08
CA LEU D 76 -2.47 -23.80 -14.29
C LEU D 76 -1.79 -22.48 -13.98
N HIS D 77 -2.23 -21.81 -12.92
CA HIS D 77 -1.63 -20.52 -12.65
C HIS D 77 -0.22 -20.63 -12.09
N GLU D 78 0.08 -21.71 -11.36
CA GLU D 78 1.47 -21.95 -10.96
C GLU D 78 2.34 -22.26 -12.19
N ARG D 79 1.82 -23.04 -13.13
CA ARG D 79 2.54 -23.23 -14.38
C ARG D 79 2.82 -21.89 -15.06
N PHE D 80 1.80 -21.04 -15.13
CA PHE D 80 1.95 -19.71 -15.72
C PHE D 80 3.02 -18.90 -15.02
N VAL D 81 3.06 -18.96 -13.68
CA VAL D 81 4.08 -18.22 -12.93
C VAL D 81 5.47 -18.73 -13.27
N ASP D 82 5.67 -20.06 -13.21
CA ASP D 82 7.00 -20.60 -13.49
C ASP D 82 7.44 -20.19 -14.89
N ALA D 83 6.52 -20.23 -15.85
CA ALA D 83 6.82 -19.74 -17.19
C ALA D 83 7.29 -18.29 -17.17
N VAL D 84 6.44 -17.37 -16.72
CA VAL D 84 6.78 -15.96 -16.73
C VAL D 84 8.12 -15.71 -16.03
N ASN D 85 8.38 -16.46 -14.98
CA ASN D 85 9.64 -16.19 -14.29
C ASN D 85 10.81 -16.71 -15.10
N LEU D 86 10.57 -17.78 -15.86
CA LEU D 86 11.59 -18.26 -16.78
C LEU D 86 11.88 -17.25 -17.89
N LEU D 87 10.89 -16.45 -18.27
CA LEU D 87 11.08 -15.39 -19.25
C LEU D 87 11.66 -14.13 -18.63
N GLY D 88 11.93 -14.12 -17.34
CA GLY D 88 12.45 -12.94 -16.71
C GLY D 88 11.42 -11.93 -16.25
N GLY D 89 10.17 -12.32 -16.11
CA GLY D 89 9.22 -11.53 -15.37
C GLY D 89 8.13 -10.93 -16.22
N SER D 90 7.15 -10.37 -15.52
CA SER D 90 5.91 -9.92 -16.11
C SER D 90 6.13 -8.94 -17.26
N GLU D 91 7.16 -8.09 -17.18
CA GLU D 91 7.21 -7.05 -18.19
C GLU D 91 7.70 -7.57 -19.54
N LYS D 92 8.79 -8.36 -19.56
CA LYS D 92 9.38 -8.79 -20.82
C LYS D 92 8.83 -10.10 -21.35
N ALA D 93 8.18 -10.90 -20.51
CA ALA D 93 7.43 -12.07 -20.97
C ALA D 93 6.31 -11.63 -21.90
N THR D 94 5.90 -12.54 -22.79
CA THR D 94 4.91 -12.24 -23.81
C THR D 94 3.93 -13.45 -23.93
N PRO D 95 2.69 -13.15 -24.26
CA PRO D 95 1.72 -14.28 -24.30
C PRO D 95 2.23 -15.47 -25.07
N LYS D 96 2.75 -15.25 -26.28
CA LYS D 96 3.23 -16.36 -27.10
C LYS D 96 4.28 -17.17 -26.36
N GLY D 97 5.30 -16.50 -25.81
CA GLY D 97 6.34 -17.22 -25.11
C GLY D 97 5.79 -18.02 -23.94
N VAL D 98 4.83 -17.43 -23.22
CA VAL D 98 4.36 -18.11 -22.01
C VAL D 98 3.52 -19.29 -22.38
N LEU D 99 2.48 -19.06 -23.19
CA LEU D 99 1.72 -20.17 -23.75
C LEU D 99 2.65 -21.25 -24.17
N LYS D 100 3.74 -20.86 -24.74
CA LYS D 100 4.47 -21.84 -25.44
C LYS D 100 5.44 -22.54 -24.48
N LEU D 101 5.68 -21.95 -23.34
CA LEU D 101 6.34 -22.60 -22.22
C LEU D 101 5.42 -23.43 -21.27
N MET D 102 4.13 -23.09 -21.11
CA MET D 102 3.32 -23.88 -20.20
C MET D 102 3.04 -25.26 -20.78
N LYS D 103 2.89 -25.33 -22.11
CA LYS D 103 2.48 -26.54 -22.83
C LYS D 103 1.26 -27.17 -22.14
N ALA D 104 0.13 -26.50 -22.35
CA ALA D 104 -1.13 -26.94 -21.77
C ALA D 104 -2.18 -27.08 -22.86
N ASP D 105 -2.50 -28.32 -23.20
CA ASP D 105 -3.63 -28.62 -24.08
C ASP D 105 -4.90 -27.87 -23.66
N ASN D 106 -5.62 -27.38 -24.68
CA ASN D 106 -6.82 -26.54 -24.54
C ASN D 106 -6.51 -25.19 -23.90
N LEU D 107 -5.52 -24.49 -24.43
CA LEU D 107 -5.17 -23.17 -23.92
C LEU D 107 -4.73 -22.30 -25.09
N THR D 108 -5.39 -21.14 -25.29
CA THR D 108 -5.07 -20.30 -26.44
C THR D 108 -4.04 -19.25 -26.02
N ILE D 109 -3.54 -18.49 -27.00
CA ILE D 109 -2.78 -17.32 -26.57
C ILE D 109 -3.71 -16.26 -26.00
N TYR D 110 -4.98 -16.23 -26.43
CA TYR D 110 -5.89 -15.19 -25.94
C TYR D 110 -6.14 -15.31 -24.43
N HIS D 111 -6.28 -16.54 -23.95
CA HIS D 111 -6.23 -16.82 -22.52
C HIS D 111 -5.02 -16.16 -21.85
N VAL D 112 -3.82 -16.61 -22.20
CA VAL D 112 -2.62 -16.06 -21.60
C VAL D 112 -2.63 -14.54 -21.72
N LYS D 113 -3.09 -14.02 -22.84
CA LYS D 113 -3.08 -12.59 -23.07
C LYS D 113 -3.79 -11.87 -21.93
N SER D 114 -5.06 -12.20 -21.76
CA SER D 114 -5.85 -11.54 -20.70
C SER D 114 -5.22 -11.75 -19.32
N HIS D 115 -4.83 -12.98 -19.01
CA HIS D 115 -4.27 -13.25 -17.69
C HIS D 115 -3.03 -12.39 -17.44
N LEU D 116 -2.12 -12.36 -18.41
CA LEU D 116 -0.87 -11.65 -18.24
C LEU D 116 -1.11 -10.15 -18.13
N GLN D 117 -2.07 -9.64 -18.90
CA GLN D 117 -2.44 -8.24 -18.72
C GLN D 117 -2.90 -7.96 -17.28
N LYS D 118 -3.63 -8.91 -16.68
CA LYS D 118 -4.04 -8.74 -15.29
C LYS D 118 -2.84 -8.75 -14.36
N TYR D 119 -1.93 -9.68 -14.56
CA TYR D 119 -0.82 -9.79 -13.62
C TYR D 119 0.32 -8.83 -13.97
N ARG D 120 0.11 -7.86 -14.85
CA ARG D 120 1.03 -6.73 -14.92
C ARG D 120 0.55 -5.49 -14.19
N THR D 121 -0.60 -5.54 -13.53
CA THR D 121 -1.06 -4.38 -12.78
C THR D 121 -0.22 -4.16 -11.51
N ALA D 122 -0.22 -2.92 -11.03
CA ALA D 122 0.32 -2.64 -9.69
C ALA D 122 -0.29 -3.54 -8.62
N ARG D 123 -1.57 -3.90 -8.77
CA ARG D 123 -2.28 -4.60 -7.72
C ARG D 123 -1.93 -6.09 -7.65
N TYR D 124 -1.59 -6.71 -8.78
CA TYR D 124 -1.42 -8.16 -8.84
C TYR D 124 0.02 -8.63 -9.10
N ARG D 125 0.86 -7.84 -9.81
CA ARG D 125 2.29 -8.18 -9.91
C ARG D 125 2.91 -8.69 -8.62
N PRO D 126 2.70 -8.05 -7.43
CA PRO D 126 3.40 -8.51 -6.21
C PRO D 126 3.19 -9.99 -5.95
N GLU D 127 2.09 -10.54 -6.48
CA GLU D 127 1.87 -11.96 -6.38
C GLU D 127 2.94 -12.78 -7.09
N LEU D 128 3.59 -12.21 -8.12
CA LEU D 128 4.52 -13.00 -8.92
C LEU D 128 5.79 -13.33 -8.16
N SER D 129 6.40 -12.32 -7.52
CA SER D 129 7.61 -12.54 -6.72
C SER D 129 7.26 -12.90 -5.28
#